data_5HU3
#
_entry.id   5HU3
#
_cell.length_a   36.907
_cell.length_b   59.217
_cell.length_c   70.301
_cell.angle_alpha   90.000
_cell.angle_beta   96.680
_cell.angle_gamma   90.000
#
_symmetry.space_group_name_H-M   'P 1 21 1'
#
loop_
_entity.id
_entity.type
_entity.pdbx_description
1 polymer 'Calcium/calmodulin-dependent protein kinase type II alpha chain'
2 polymer 'Potassium voltage-gated channel protein eag'
3 non-polymer "ADENOSINE-5'-DIPHOSPHATE"
4 non-polymer 'MAGNESIUM ION'
5 water water
#
loop_
_entity_poly.entity_id
_entity_poly.type
_entity_poly.pdbx_seq_one_letter_code
_entity_poly.pdbx_strand_id
1 'polypeptide(L)'
;GAMAAPAACTRFSDNYDIKEELGKGAFSIVKRCVQKSTGFEFAAKIINTKKLTARDFQKLEREARICRKLHHPNIVRLHD
SIQEENYHYLVFDLVTGGELFEDIVAREFYSEADASHCIQQILESVNHCHQNGVVHRNLKPENLLLASKAKGAAVKLADF
GLAIEVQGDHQAWFGFAGTPGYLSPEVLKKEPYGKSVDIWACGVILYILLVGYPPFWDEDQHRLYSQIKAGAYDYPSPEW
DTVTPEAKNLINQMLTVNPNKRITAAEALKHPWICQRERVASVVH
;
A
2 'polypeptide(L)' GVLPKAPKLQASQATLARQD(TPO)IDEGGEVDSSPPSRDSRVVIEGAAVSSATVGPS B
#
# COMPACT_ATOMS: atom_id res chain seq x y z
N CYS A 9 -14.18 -26.93 -1.31
CA CYS A 9 -14.80 -26.21 -2.42
C CYS A 9 -14.16 -26.47 -3.77
N THR A 10 -15.01 -26.43 -4.78
CA THR A 10 -14.61 -26.13 -6.15
C THR A 10 -15.37 -24.86 -6.59
N ARG A 11 -15.84 -24.11 -5.60
CA ARG A 11 -16.77 -23.00 -5.82
C ARG A 11 -16.19 -21.97 -6.77
N PHE A 12 -14.88 -21.71 -6.71
CA PHE A 12 -14.26 -20.77 -7.66
C PHE A 12 -14.07 -21.39 -9.05
N SER A 13 -13.50 -22.59 -9.11
CA SER A 13 -13.18 -23.22 -10.38
C SER A 13 -14.45 -23.49 -11.16
N ASP A 14 -15.53 -23.78 -10.43
CA ASP A 14 -16.80 -24.10 -11.04
C ASP A 14 -17.47 -22.87 -11.62
N ASN A 15 -17.30 -21.75 -10.94
CA ASN A 15 -18.09 -20.56 -11.19
C ASN A 15 -17.35 -19.43 -11.91
N TYR A 16 -16.04 -19.58 -12.02
CA TYR A 16 -15.19 -18.57 -12.64
C TYR A 16 -14.32 -19.16 -13.74
N ASP A 17 -14.10 -18.41 -14.81
CA ASP A 17 -13.05 -18.69 -15.78
C ASP A 17 -11.92 -17.71 -15.56
N ILE A 18 -10.72 -18.25 -15.38
CA ILE A 18 -9.53 -17.45 -15.16
C ILE A 18 -9.00 -16.98 -16.50
N LYS A 19 -8.52 -15.73 -16.56
CA LYS A 19 -7.90 -15.22 -17.79
C LYS A 19 -6.45 -14.82 -17.50
N GLU A 20 -6.04 -13.61 -17.89
CA GLU A 20 -4.61 -13.25 -17.86
C GLU A 20 -4.08 -12.70 -16.53
N GLU A 21 -2.75 -12.74 -16.37
CA GLU A 21 -2.10 -12.15 -15.23
C GLU A 21 -2.23 -10.64 -15.27
N LEU A 22 -2.55 -10.08 -14.11
CA LEU A 22 -2.63 -8.65 -13.90
C LEU A 22 -1.41 -8.14 -13.11
N GLY A 23 -0.97 -8.94 -12.14
CA GLY A 23 0.08 -8.50 -11.24
C GLY A 23 0.45 -9.59 -10.24
N LYS A 24 1.53 -9.37 -9.51
CA LYS A 24 1.91 -10.29 -8.47
C LYS A 24 2.65 -9.51 -7.37
N GLY A 25 2.48 -9.95 -6.12
CA GLY A 25 3.36 -9.51 -5.04
C GLY A 25 4.07 -10.71 -4.45
N ALA A 26 4.57 -10.54 -3.21
CA ALA A 26 5.51 -11.51 -2.67
C ALA A 26 4.94 -12.94 -2.63
N PHE A 27 3.67 -13.09 -2.30
CA PHE A 27 3.10 -14.45 -2.17
C PHE A 27 1.70 -14.60 -2.77
N SER A 28 1.41 -13.85 -3.83
CA SER A 28 0.19 -14.10 -4.58
C SER A 28 0.36 -13.72 -6.03
N ILE A 29 -0.50 -14.28 -6.87
CA ILE A 29 -0.62 -13.82 -8.23
C ILE A 29 -2.09 -13.43 -8.47
N VAL A 30 -2.26 -12.28 -9.11
CA VAL A 30 -3.58 -11.75 -9.35
C VAL A 30 -3.89 -11.88 -10.85
N LYS A 31 -4.98 -12.57 -11.16
CA LYS A 31 -5.40 -12.80 -12.53
C LYS A 31 -6.80 -12.24 -12.76
N ARG A 32 -7.04 -11.70 -13.97
CA ARG A 32 -8.39 -11.34 -14.35
C ARG A 32 -9.16 -12.64 -14.44
N CYS A 33 -10.42 -12.61 -14.05
CA CYS A 33 -11.31 -13.77 -14.20
C CYS A 33 -12.70 -13.27 -14.58
N VAL A 34 -13.52 -14.17 -15.13
CA VAL A 34 -14.92 -13.88 -15.49
C VAL A 34 -15.88 -14.82 -14.77
N GLN A 35 -16.89 -14.25 -14.13
CA GLN A 35 -17.91 -15.05 -13.49
CA GLN A 35 -17.91 -15.07 -13.49
C GLN A 35 -18.84 -15.62 -14.57
N LYS A 36 -19.03 -16.93 -14.57
CA LYS A 36 -19.77 -17.56 -15.66
C LYS A 36 -21.21 -17.13 -15.72
N SER A 37 -21.88 -17.06 -14.57
CA SER A 37 -23.34 -16.81 -14.55
C SER A 37 -23.70 -15.43 -15.12
N THR A 38 -22.76 -14.50 -15.03
CA THR A 38 -23.01 -13.08 -15.32
C THR A 38 -22.16 -12.49 -16.46
N GLY A 39 -21.05 -13.15 -16.77
CA GLY A 39 -20.08 -12.57 -17.66
C GLY A 39 -19.39 -11.35 -17.09
N PHE A 40 -19.53 -11.11 -15.79
CA PHE A 40 -18.83 -9.97 -15.17
C PHE A 40 -17.40 -10.34 -14.82
N GLU A 41 -16.48 -9.38 -14.97
CA GLU A 41 -15.09 -9.67 -14.79
C GLU A 41 -14.61 -9.16 -13.42
N PHE A 42 -13.67 -9.88 -12.88
CA PHE A 42 -13.09 -9.56 -11.56
C PHE A 42 -11.60 -9.77 -11.57
N ALA A 43 -10.96 -9.45 -10.44
CA ALA A 43 -9.54 -9.76 -10.25
C ALA A 43 -9.48 -10.82 -9.17
N ALA A 44 -8.86 -11.95 -9.51
CA ALA A 44 -8.75 -13.05 -8.56
C ALA A 44 -7.32 -13.10 -8.03
N LYS A 45 -7.19 -12.81 -6.75
CA LYS A 45 -5.91 -12.90 -6.06
C LYS A 45 -5.75 -14.34 -5.60
N ILE A 46 -4.76 -15.00 -6.16
CA ILE A 46 -4.57 -16.42 -5.96
C ILE A 46 -3.34 -16.68 -5.13
N ILE A 47 -3.53 -17.48 -4.08
CA ILE A 47 -2.48 -17.85 -3.13
C ILE A 47 -2.42 -19.36 -3.03
N ASN A 48 -1.27 -19.93 -3.34
CA ASN A 48 -1.07 -21.35 -3.11
C ASN A 48 -1.02 -21.59 -1.61
N THR A 49 -1.84 -22.52 -1.14
CA THR A 49 -2.00 -22.75 0.30
C THR A 49 -1.46 -24.08 0.74
N LYS A 50 -0.90 -24.86 -0.18
CA LYS A 50 -0.33 -26.15 0.18
C LYS A 50 0.81 -26.00 1.18
N LYS A 51 1.66 -25.02 0.94
CA LYS A 51 2.89 -24.86 1.73
C LYS A 51 2.59 -24.14 3.06
N LEU A 52 1.40 -23.54 3.17
CA LEU A 52 1.11 -22.56 4.22
C LEU A 52 0.83 -23.12 5.63
N THR A 53 1.22 -22.32 6.63
CA THR A 53 1.07 -22.66 8.04
C THR A 53 -0.25 -22.13 8.62
N ALA A 54 -0.56 -22.54 9.85
CA ALA A 54 -1.72 -22.01 10.58
C ALA A 54 -1.75 -20.47 10.59
N ARG A 55 -0.62 -19.85 10.89
CA ARG A 55 -0.53 -18.39 10.91
C ARG A 55 -0.89 -17.79 9.56
N ASP A 56 -0.40 -18.41 8.48
CA ASP A 56 -0.65 -17.91 7.12
C ASP A 56 -2.14 -17.96 6.77
N PHE A 57 -2.85 -19.00 7.21
CA PHE A 57 -4.29 -19.08 6.97
C PHE A 57 -5.06 -18.05 7.77
N GLN A 58 -4.66 -17.83 9.02
CA GLN A 58 -5.30 -16.79 9.82
C GLN A 58 -5.12 -15.41 9.17
N LYS A 59 -3.94 -15.19 8.60
CA LYS A 59 -3.66 -13.94 7.84
C LYS A 59 -4.61 -13.77 6.64
N LEU A 60 -4.95 -14.86 5.97
CA LEU A 60 -5.91 -14.76 4.86
C LEU A 60 -7.30 -14.33 5.33
N GLU A 61 -7.78 -14.99 6.38
CA GLU A 61 -9.05 -14.61 6.99
C GLU A 61 -9.03 -13.16 7.46
N ARG A 62 -7.89 -12.75 8.02
CA ARG A 62 -7.74 -11.40 8.52
C ARG A 62 -7.84 -10.45 7.34
N GLU A 63 -7.12 -10.78 6.27
CA GLU A 63 -7.14 -9.93 5.06
C GLU A 63 -8.58 -9.74 4.56
N ALA A 64 -9.30 -10.86 4.36
CA ALA A 64 -10.67 -10.82 3.88
C ALA A 64 -11.56 -10.06 4.84
N ARG A 65 -11.37 -10.27 6.14
CA ARG A 65 -12.19 -9.62 7.15
C ARG A 65 -12.04 -8.10 7.09
N ILE A 66 -10.80 -7.64 7.08
CA ILE A 66 -10.51 -6.22 7.18
C ILE A 66 -10.92 -5.53 5.88
N CYS A 67 -10.69 -6.16 4.74
CA CYS A 67 -11.15 -5.64 3.46
CA CYS A 67 -11.11 -5.56 3.49
C CYS A 67 -12.63 -5.31 3.52
N ARG A 68 -13.42 -6.32 3.92
CA ARG A 68 -14.88 -6.16 3.98
C ARG A 68 -15.31 -5.04 4.90
N LYS A 69 -14.66 -4.95 6.05
CA LYS A 69 -14.96 -3.93 7.04
C LYS A 69 -14.76 -2.51 6.48
N LEU A 70 -13.75 -2.35 5.61
CA LEU A 70 -13.33 -1.06 5.12
C LEU A 70 -13.99 -0.66 3.80
N HIS A 71 -15.03 -1.36 3.39
CA HIS A 71 -15.71 -1.05 2.12
C HIS A 71 -15.96 0.46 1.96
N HIS A 72 -15.60 0.98 0.78
CA HIS A 72 -15.48 2.43 0.57
C HIS A 72 -15.02 2.63 -0.88
N PRO A 73 -15.46 3.74 -1.53
CA PRO A 73 -15.11 4.00 -2.95
C PRO A 73 -13.63 3.98 -3.31
N ASN A 74 -12.74 4.24 -2.35
CA ASN A 74 -11.31 4.35 -2.62
C ASN A 74 -10.50 3.15 -2.08
N ILE A 75 -11.23 2.10 -1.70
CA ILE A 75 -10.65 0.84 -1.22
C ILE A 75 -11.13 -0.26 -2.19
N VAL A 76 -10.27 -1.20 -2.58
CA VAL A 76 -10.73 -2.32 -3.42
C VAL A 76 -11.84 -3.11 -2.71
N ARG A 77 -12.81 -3.58 -3.48
CA ARG A 77 -14.00 -4.25 -2.94
C ARG A 77 -13.81 -5.76 -3.07
N LEU A 78 -13.99 -6.49 -1.97
CA LEU A 78 -13.84 -7.94 -2.02
C LEU A 78 -15.18 -8.58 -2.40
N HIS A 79 -15.21 -9.37 -3.48
CA HIS A 79 -16.46 -9.96 -3.99
C HIS A 79 -16.69 -11.35 -3.37
N ASP A 80 -15.63 -12.08 -3.08
CA ASP A 80 -15.76 -13.40 -2.47
C ASP A 80 -14.38 -13.91 -2.02
N SER A 81 -14.41 -14.87 -1.10
CA SER A 81 -13.21 -15.49 -0.54
C SER A 81 -13.50 -16.98 -0.53
N ILE A 82 -12.67 -17.77 -1.23
CA ILE A 82 -12.95 -19.18 -1.51
C ILE A 82 -11.71 -20.04 -1.32
N GLN A 83 -11.84 -21.12 -0.55
CA GLN A 83 -10.71 -22.00 -0.33
C GLN A 83 -10.97 -23.31 -1.07
N GLU A 84 -10.18 -23.61 -2.09
CA GLU A 84 -10.24 -24.92 -2.74
C GLU A 84 -9.17 -25.79 -2.10
N GLU A 85 -8.87 -26.95 -2.68
CA GLU A 85 -7.97 -27.90 -2.02
C GLU A 85 -6.55 -27.35 -1.87
N ASN A 86 -6.03 -26.75 -2.95
CA ASN A 86 -4.63 -26.29 -3.03
C ASN A 86 -4.46 -24.78 -3.18
N TYR A 87 -5.56 -24.05 -3.24
CA TYR A 87 -5.50 -22.64 -3.50
C TYR A 87 -6.62 -21.91 -2.83
N HIS A 88 -6.31 -20.68 -2.42
CA HIS A 88 -7.30 -19.76 -1.94
C HIS A 88 -7.48 -18.66 -2.96
N TYR A 89 -8.73 -18.21 -3.12
CA TYR A 89 -9.08 -17.13 -4.04
C TYR A 89 -9.76 -15.98 -3.34
N LEU A 90 -9.19 -14.78 -3.46
CA LEU A 90 -9.87 -13.56 -3.05
C LEU A 90 -10.23 -12.85 -4.34
N VAL A 91 -11.53 -12.78 -4.58
CA VAL A 91 -12.06 -12.22 -5.80
C VAL A 91 -12.46 -10.78 -5.53
N PHE A 92 -11.81 -9.84 -6.21
CA PHE A 92 -12.05 -8.42 -6.00
C PHE A 92 -12.68 -7.79 -7.23
N ASP A 93 -13.32 -6.64 -7.08
CA ASP A 93 -13.62 -5.84 -8.25
C ASP A 93 -12.34 -5.62 -9.05
N LEU A 94 -12.45 -5.68 -10.38
CA LEU A 94 -11.34 -5.34 -11.27
C LEU A 94 -11.08 -3.81 -11.39
N VAL A 95 -9.84 -3.41 -11.17
CA VAL A 95 -9.41 -2.03 -11.33
C VAL A 95 -8.53 -2.09 -12.57
N THR A 96 -8.88 -1.35 -13.63
CA THR A 96 -8.33 -1.61 -14.96
C THR A 96 -7.14 -0.74 -15.36
N GLY A 97 -6.85 0.31 -14.59
CA GLY A 97 -5.78 1.23 -14.93
C GLY A 97 -4.36 0.85 -14.49
N GLY A 98 -4.20 -0.30 -13.87
CA GLY A 98 -2.88 -0.75 -13.45
C GLY A 98 -2.44 -0.09 -12.15
N GLU A 99 -1.23 -0.43 -11.70
CA GLU A 99 -0.69 0.12 -10.48
C GLU A 99 -0.25 1.53 -10.69
N LEU A 100 -0.45 2.38 -9.68
CA LEU A 100 0.20 3.69 -9.64
C LEU A 100 1.70 3.54 -9.96
N PHE A 101 2.31 2.47 -9.43
CA PHE A 101 3.71 2.20 -9.73
C PHE A 101 3.99 2.37 -11.25
N GLU A 102 3.24 1.66 -12.09
CA GLU A 102 3.49 1.65 -13.54
C GLU A 102 3.38 3.01 -14.14
N ASP A 103 2.42 3.77 -13.63
CA ASP A 103 2.08 5.05 -14.25
C ASP A 103 3.21 6.00 -13.93
N ILE A 104 3.72 5.91 -12.69
CA ILE A 104 4.87 6.70 -12.35
C ILE A 104 6.06 6.36 -13.24
N VAL A 105 6.37 5.07 -13.44
CA VAL A 105 7.57 4.86 -14.25
C VAL A 105 7.28 5.29 -15.70
N ALA A 106 6.03 5.12 -16.16
CA ALA A 106 5.64 5.51 -17.53
C ALA A 106 5.91 7.01 -17.77
N ARG A 107 5.61 7.82 -16.76
CA ARG A 107 5.73 9.28 -16.84
C ARG A 107 7.02 9.85 -16.22
N GLU A 108 7.81 9.00 -15.56
CA GLU A 108 8.96 9.35 -14.69
C GLU A 108 8.51 9.99 -13.40
N PHE A 109 7.68 11.03 -13.51
CA PHE A 109 7.14 11.73 -12.35
C PHE A 109 5.88 12.50 -12.70
N TYR A 110 5.18 12.91 -11.66
CA TYR A 110 3.96 13.69 -11.80
C TYR A 110 4.26 15.19 -11.57
N SER A 111 3.60 16.08 -12.32
CA SER A 111 3.65 17.52 -12.04
C SER A 111 3.20 17.76 -10.61
N GLU A 112 3.49 18.94 -10.05
CA GLU A 112 3.02 19.21 -8.70
C GLU A 112 1.50 19.05 -8.60
N ALA A 113 0.81 19.60 -9.59
CA ALA A 113 -0.66 19.54 -9.64
C ALA A 113 -1.19 18.12 -9.54
N ASP A 114 -0.69 17.24 -10.41
CA ASP A 114 -1.17 15.87 -10.45
C ASP A 114 -0.68 15.09 -9.21
N ALA A 115 0.49 15.44 -8.69
CA ALA A 115 1.03 14.74 -7.51
C ALA A 115 0.18 15.07 -6.32
N SER A 116 -0.22 16.33 -6.29
CA SER A 116 -1.04 16.87 -5.21
C SER A 116 -2.39 16.16 -5.18
N HIS A 117 -3.04 16.08 -6.33
CA HIS A 117 -4.31 15.40 -6.42
C HIS A 117 -4.18 13.91 -6.05
N CYS A 118 -3.12 13.27 -6.53
CA CYS A 118 -2.91 11.83 -6.34
C CYS A 118 -2.68 11.51 -4.89
N ILE A 119 -1.82 12.28 -4.21
CA ILE A 119 -1.56 12.06 -2.81
C ILE A 119 -2.77 12.42 -1.93
N GLN A 120 -3.59 13.35 -2.39
CA GLN A 120 -4.84 13.64 -1.69
C GLN A 120 -5.71 12.39 -1.62
N GLN A 121 -5.85 11.69 -2.75
CA GLN A 121 -6.68 10.50 -2.80
C GLN A 121 -6.08 9.37 -1.97
N ILE A 122 -4.77 9.21 -2.05
CA ILE A 122 -4.08 8.20 -1.28
C ILE A 122 -4.35 8.44 0.22
N LEU A 123 -4.13 9.68 0.65
CA LEU A 123 -4.35 10.05 2.05
C LEU A 123 -5.82 9.91 2.48
N GLU A 124 -6.76 10.13 1.56
CA GLU A 124 -8.17 9.90 1.85
C GLU A 124 -8.40 8.40 2.11
N SER A 125 -7.84 7.52 1.29
CA SER A 125 -7.95 6.08 1.52
CA SER A 125 -7.99 6.08 1.53
C SER A 125 -7.32 5.69 2.86
N VAL A 126 -6.13 6.20 3.13
CA VAL A 126 -5.44 5.89 4.38
C VAL A 126 -6.22 6.40 5.61
N ASN A 127 -6.76 7.62 5.50
CA ASN A 127 -7.50 8.18 6.62
C ASN A 127 -8.76 7.36 6.81
N HIS A 128 -9.31 6.86 5.73
CA HIS A 128 -10.48 6.00 5.87
C HIS A 128 -10.15 4.76 6.70
N CYS A 129 -8.96 4.19 6.46
CA CYS A 129 -8.51 3.08 7.27
C CYS A 129 -8.34 3.50 8.72
N HIS A 130 -7.68 4.62 8.94
CA HIS A 130 -7.30 5.01 10.30
C HIS A 130 -8.46 5.38 11.16
N GLN A 131 -9.48 6.00 10.59
CA GLN A 131 -10.62 6.40 11.39
C GLN A 131 -11.56 5.21 11.63
N ASN A 132 -11.27 4.07 11.01
CA ASN A 132 -11.95 2.82 11.28
C ASN A 132 -11.05 1.83 12.04
N GLY A 133 -9.93 2.34 12.55
CA GLY A 133 -9.11 1.58 13.46
C GLY A 133 -8.23 0.55 12.78
N VAL A 134 -7.78 0.84 11.56
CA VAL A 134 -6.93 -0.06 10.81
C VAL A 134 -5.63 0.64 10.39
N VAL A 135 -4.52 -0.06 10.59
CA VAL A 135 -3.24 0.37 10.06
C VAL A 135 -2.96 -0.61 8.94
N HIS A 136 -2.65 -0.06 7.77
CA HIS A 136 -2.47 -0.87 6.57
C HIS A 136 -1.10 -1.60 6.61
N ARG A 137 -0.07 -0.84 6.98
CA ARG A 137 1.31 -1.30 7.12
C ARG A 137 2.09 -1.55 5.86
N ASN A 138 1.47 -1.37 4.67
CA ASN A 138 2.17 -1.67 3.43
C ASN A 138 1.80 -0.74 2.27
N LEU A 139 1.73 0.54 2.58
CA LEU A 139 1.56 1.55 1.57
C LEU A 139 2.80 1.62 0.64
N LYS A 140 2.53 1.54 -0.66
CA LYS A 140 3.52 1.75 -1.66
C LYS A 140 2.81 1.80 -3.02
N PRO A 141 3.50 2.32 -4.02
CA PRO A 141 2.80 2.50 -5.30
C PRO A 141 2.28 1.17 -5.93
N GLU A 142 2.88 0.04 -5.59
CA GLU A 142 2.41 -1.24 -6.13
C GLU A 142 1.03 -1.61 -5.58
N ASN A 143 0.69 -1.02 -4.44
CA ASN A 143 -0.55 -1.30 -3.74
C ASN A 143 -1.57 -0.20 -3.85
N LEU A 144 -1.41 0.65 -4.85
CA LEU A 144 -2.38 1.66 -5.13
C LEU A 144 -2.71 1.49 -6.60
N LEU A 145 -3.99 1.30 -6.90
CA LEU A 145 -4.45 0.91 -8.24
C LEU A 145 -5.25 2.06 -8.80
N LEU A 146 -5.17 2.25 -10.11
CA LEU A 146 -5.81 3.38 -10.77
C LEU A 146 -7.05 2.93 -11.52
N ALA A 147 -8.16 3.65 -11.34
CA ALA A 147 -9.39 3.31 -12.05
C ALA A 147 -9.20 3.33 -13.56
N SER A 148 -8.24 4.13 -14.04
CA SER A 148 -7.94 4.15 -15.46
C SER A 148 -6.63 4.87 -15.74
N LYS A 149 -6.35 5.06 -17.02
CA LYS A 149 -5.07 5.60 -17.46
C LYS A 149 -5.17 7.14 -17.55
N ALA A 150 -6.40 7.65 -17.51
CA ALA A 150 -6.64 9.11 -17.55
C ALA A 150 -6.04 9.86 -16.35
N LYS A 151 -5.72 11.13 -16.59
CA LYS A 151 -5.15 11.97 -15.55
C LYS A 151 -6.14 12.21 -14.41
N GLY A 152 -5.63 12.08 -13.18
CA GLY A 152 -6.44 12.25 -11.99
C GLY A 152 -7.45 11.13 -11.78
N ALA A 153 -7.27 10.00 -12.50
CA ALA A 153 -8.07 8.78 -12.27
C ALA A 153 -8.15 8.46 -10.78
N ALA A 154 -9.26 7.88 -10.38
CA ALA A 154 -9.48 7.53 -9.00
C ALA A 154 -8.40 6.53 -8.57
N VAL A 155 -8.00 6.62 -7.31
CA VAL A 155 -6.95 5.76 -6.76
C VAL A 155 -7.59 4.79 -5.78
N LYS A 156 -7.25 3.51 -5.88
CA LYS A 156 -7.84 2.50 -5.01
C LYS A 156 -6.75 1.88 -4.18
N LEU A 157 -6.93 1.91 -2.87
CA LEU A 157 -5.99 1.26 -1.96
C LEU A 157 -6.24 -0.25 -1.96
N ALA A 158 -5.19 -1.02 -2.17
CA ALA A 158 -5.27 -2.46 -2.22
C ALA A 158 -4.32 -3.15 -1.23
N ASP A 159 -4.31 -4.47 -1.31
CA ASP A 159 -3.37 -5.33 -0.61
C ASP A 159 -3.41 -5.13 0.92
N PHE A 160 -4.48 -5.65 1.50
CA PHE A 160 -4.66 -5.62 2.95
C PHE A 160 -4.10 -6.84 3.66
N GLY A 161 -3.09 -7.45 3.05
CA GLY A 161 -2.50 -8.68 3.58
C GLY A 161 -1.86 -8.48 4.96
N LEU A 162 -1.39 -7.27 5.23
CA LEU A 162 -0.65 -6.99 6.48
C LEU A 162 -1.46 -6.13 7.44
N ALA A 163 -2.60 -5.67 6.97
CA ALA A 163 -3.41 -4.73 7.73
C ALA A 163 -3.87 -5.35 9.06
N ILE A 164 -3.85 -4.52 10.08
CA ILE A 164 -4.22 -4.96 11.41
CA ILE A 164 -4.20 -4.96 11.40
C ILE A 164 -5.02 -3.86 12.09
N GLU A 165 -5.67 -4.19 13.21
CA GLU A 165 -6.51 -3.22 13.90
C GLU A 165 -5.84 -2.59 15.13
N VAL A 166 -6.17 -1.31 15.36
CA VAL A 166 -5.59 -0.52 16.45
C VAL A 166 -6.57 0.55 16.87
N GLN A 167 -6.67 0.80 18.17
CA GLN A 167 -7.50 1.87 18.70
C GLN A 167 -6.77 3.24 18.67
N GLY A 168 -7.29 4.17 17.86
CA GLY A 168 -6.86 5.55 17.89
C GLY A 168 -5.37 5.82 17.78
N ASP A 169 -4.82 6.41 18.84
CA ASP A 169 -3.41 6.79 18.93
C ASP A 169 -2.52 5.63 19.34
N HIS A 170 -3.14 4.58 19.88
CA HIS A 170 -2.39 3.48 20.51
C HIS A 170 -1.25 2.92 19.65
N GLN A 171 -0.22 2.43 20.34
CA GLN A 171 0.94 1.87 19.66
C GLN A 171 1.38 0.62 20.41
N ALA A 172 1.76 -0.41 19.65
CA ALA A 172 2.18 -1.68 20.22
C ALA A 172 3.12 -2.35 19.24
N TRP A 173 3.79 -3.42 19.65
CA TRP A 173 4.69 -4.09 18.71
C TRP A 173 3.90 -5.07 17.84
N PHE A 174 3.48 -4.63 16.64
CA PHE A 174 2.66 -5.50 15.80
C PHE A 174 3.50 -6.36 14.86
N GLY A 175 4.81 -6.39 15.05
CA GLY A 175 5.69 -7.27 14.30
C GLY A 175 6.49 -6.60 13.22
N PHE A 176 7.52 -7.29 12.73
CA PHE A 176 8.41 -6.72 11.73
C PHE A 176 7.88 -7.06 10.34
N ALA A 177 7.19 -6.10 9.73
CA ALA A 177 6.56 -6.37 8.41
C ALA A 177 6.28 -5.10 7.62
N GLY A 178 6.18 -5.24 6.30
CA GLY A 178 6.00 -4.07 5.41
C GLY A 178 6.85 -4.29 4.17
N THR A 179 7.19 -3.23 3.43
CA THR A 179 8.11 -3.35 2.31
C THR A 179 9.30 -2.44 2.55
N PRO A 180 10.55 -2.95 2.39
CA PRO A 180 11.75 -2.27 2.91
C PRO A 180 11.85 -0.77 2.72
N GLY A 181 11.82 -0.28 1.47
CA GLY A 181 12.04 1.13 1.23
C GLY A 181 10.96 2.03 1.79
N TYR A 182 9.83 1.44 2.18
CA TYR A 182 8.69 2.17 2.74
C TYR A 182 8.52 2.04 4.26
N LEU A 183 9.36 1.23 4.88
CA LEU A 183 9.26 0.92 6.30
C LEU A 183 9.56 2.19 7.10
N SER A 184 8.90 2.32 8.25
CA SER A 184 9.06 3.45 9.13
C SER A 184 10.27 3.28 10.08
N PRO A 185 10.84 4.40 10.56
CA PRO A 185 11.94 4.26 11.52
C PRO A 185 11.53 3.40 12.71
N GLU A 186 10.30 3.58 13.19
CA GLU A 186 9.91 2.91 14.44
C GLU A 186 9.80 1.39 14.27
N VAL A 187 9.32 0.94 13.13
CA VAL A 187 9.30 -0.50 12.82
C VAL A 187 10.73 -1.05 12.75
N LEU A 188 11.60 -0.30 12.05
CA LEU A 188 13.00 -0.66 11.96
C LEU A 188 13.71 -0.64 13.32
N LYS A 189 13.31 0.27 14.22
CA LYS A 189 13.91 0.34 15.59
C LYS A 189 13.26 -0.70 16.53
N LYS A 190 12.34 -1.51 15.99
CA LYS A 190 11.51 -2.40 16.82
C LYS A 190 10.83 -1.71 18.01
N GLU A 191 10.29 -0.53 17.76
CA GLU A 191 9.50 0.17 18.77
C GLU A 191 8.01 -0.05 18.49
N PRO A 192 7.18 0.08 19.55
CA PRO A 192 5.73 0.00 19.37
C PRO A 192 5.33 1.00 18.31
N TYR A 193 4.33 0.69 17.49
CA TYR A 193 3.95 1.61 16.44
C TYR A 193 2.46 1.49 16.17
N GLY A 194 1.96 2.28 15.22
CA GLY A 194 0.54 2.45 15.04
C GLY A 194 0.21 3.04 13.68
N LYS A 195 -0.91 3.75 13.58
CA LYS A 195 -1.39 4.24 12.31
C LYS A 195 -0.35 5.11 11.61
N SER A 196 0.48 5.76 12.41
CA SER A 196 1.41 6.73 11.92
C SER A 196 2.47 6.18 10.95
N VAL A 197 2.76 4.88 11.02
CA VAL A 197 3.64 4.25 10.00
C VAL A 197 3.15 4.41 8.57
N ASP A 198 1.84 4.42 8.35
CA ASP A 198 1.31 4.60 6.98
C ASP A 198 1.62 6.00 6.45
N ILE A 199 1.70 6.97 7.35
CA ILE A 199 1.96 8.35 6.96
C ILE A 199 3.40 8.49 6.46
N TRP A 200 4.33 7.81 7.13
CA TRP A 200 5.72 7.75 6.68
C TRP A 200 5.79 7.24 5.24
N ALA A 201 5.16 6.09 5.00
CA ALA A 201 5.08 5.54 3.64
C ALA A 201 4.43 6.54 2.65
N CYS A 202 3.45 7.31 3.09
CA CYS A 202 2.84 8.28 2.19
C CYS A 202 3.86 9.39 1.86
N GLY A 203 4.72 9.74 2.81
CA GLY A 203 5.83 10.65 2.59
C GLY A 203 6.76 10.09 1.52
N VAL A 204 7.11 8.81 1.65
CA VAL A 204 7.99 8.17 0.67
C VAL A 204 7.33 8.21 -0.72
N ILE A 205 6.04 7.86 -0.77
CA ILE A 205 5.29 7.89 -2.04
C ILE A 205 5.23 9.29 -2.70
N LEU A 206 4.88 10.30 -1.92
CA LEU A 206 4.83 11.68 -2.40
C LEU A 206 6.19 12.13 -2.97
N TYR A 207 7.27 11.77 -2.28
CA TYR A 207 8.62 12.08 -2.78
C TYR A 207 8.83 11.43 -4.16
N ILE A 208 8.47 10.14 -4.24
CA ILE A 208 8.54 9.42 -5.51
C ILE A 208 7.67 10.08 -6.59
N LEU A 209 6.52 10.61 -6.19
CA LEU A 209 5.60 11.20 -7.19
C LEU A 209 6.23 12.41 -7.85
N LEU A 210 7.03 13.13 -7.08
CA LEU A 210 7.64 14.38 -7.53
C LEU A 210 8.92 14.25 -8.36
N VAL A 211 9.72 13.19 -8.17
CA VAL A 211 10.97 13.10 -8.94
C VAL A 211 11.19 11.72 -9.58
N GLY A 212 10.37 10.76 -9.15
CA GLY A 212 10.34 9.44 -9.75
C GLY A 212 11.36 8.46 -9.19
N TYR A 213 11.93 8.80 -8.06
CA TYR A 213 12.77 7.84 -7.34
C TYR A 213 12.63 8.06 -5.85
N PRO A 214 13.00 7.03 -5.06
CA PRO A 214 12.75 7.08 -3.61
C PRO A 214 13.74 7.91 -2.80
N PRO A 215 13.28 8.50 -1.68
CA PRO A 215 14.21 9.31 -0.87
C PRO A 215 15.23 8.46 -0.08
N PHE A 216 14.90 7.19 0.21
CA PHE A 216 15.85 6.28 0.85
C PHE A 216 16.16 5.14 -0.10
N TRP A 217 17.44 4.92 -0.35
CA TRP A 217 17.87 3.95 -1.32
C TRP A 217 19.33 3.63 -1.08
N ASP A 218 19.66 2.34 -1.13
CA ASP A 218 21.06 1.89 -1.07
C ASP A 218 21.06 0.44 -1.53
N GLU A 219 22.13 0.00 -2.18
CA GLU A 219 22.15 -1.38 -2.63
C GLU A 219 22.28 -2.28 -1.42
N ASP A 220 22.93 -1.76 -0.37
CA ASP A 220 23.11 -2.47 0.89
C ASP A 220 21.89 -2.24 1.80
N GLN A 221 21.06 -3.27 1.99
CA GLN A 221 19.86 -3.11 2.78
C GLN A 221 20.09 -2.66 4.23
N HIS A 222 21.12 -3.19 4.88
CA HIS A 222 21.53 -2.68 6.19
C HIS A 222 21.69 -1.15 6.14
N ARG A 223 22.38 -0.63 5.11
CA ARG A 223 22.53 0.83 4.96
C ARG A 223 21.21 1.54 4.69
N LEU A 224 20.32 0.91 3.92
CA LEU A 224 19.06 1.55 3.60
C LEU A 224 18.31 1.81 4.91
N TYR A 225 18.18 0.76 5.71
CA TYR A 225 17.51 0.86 7.00
C TYR A 225 18.16 1.94 7.89
N SER A 226 19.49 2.06 7.84
CA SER A 226 20.18 3.14 8.58
C SER A 226 19.66 4.52 8.19
N GLN A 227 19.54 4.68 6.88
CA GLN A 227 19.17 5.95 6.30
C GLN A 227 17.75 6.27 6.75
N ILE A 228 16.86 5.30 6.63
CA ILE A 228 15.49 5.49 7.06
C ILE A 228 15.40 5.91 8.51
N LYS A 229 16.06 5.15 9.37
CA LYS A 229 15.96 5.38 10.78
C LYS A 229 16.43 6.79 11.13
N ALA A 230 17.51 7.22 10.45
CA ALA A 230 18.11 8.52 10.69
C ALA A 230 17.29 9.57 9.98
N GLY A 231 16.40 9.14 9.10
CA GLY A 231 15.59 10.08 8.35
C GLY A 231 16.47 10.90 7.45
N ALA A 232 17.52 10.27 6.91
CA ALA A 232 18.52 10.95 6.10
C ALA A 232 18.12 11.01 4.63
N TYR A 233 17.66 12.17 4.21
CA TYR A 233 17.24 12.34 2.83
C TYR A 233 17.37 13.79 2.50
N ASP A 234 17.41 14.10 1.22
CA ASP A 234 17.51 15.49 0.81
C ASP A 234 16.80 15.70 -0.54
N TYR A 235 16.95 16.90 -1.09
CA TYR A 235 16.26 17.32 -2.32
C TYR A 235 17.29 17.76 -3.39
N PRO A 236 17.94 16.78 -4.05
CA PRO A 236 19.08 17.04 -4.93
C PRO A 236 18.73 17.82 -6.19
N SER A 237 19.65 18.68 -6.61
CA SER A 237 19.54 19.40 -7.87
C SER A 237 20.02 18.50 -9.01
N PRO A 238 19.47 18.71 -10.22
CA PRO A 238 18.47 19.70 -10.59
C PRO A 238 17.01 19.21 -10.43
N GLU A 239 16.77 17.90 -10.25
CA GLU A 239 15.42 17.34 -10.02
C GLU A 239 14.50 18.29 -9.29
N TRP A 240 14.94 18.73 -8.10
CA TRP A 240 14.08 19.38 -7.13
C TRP A 240 14.11 20.89 -7.16
N ASP A 241 14.92 21.48 -8.05
CA ASP A 241 15.06 22.94 -8.09
C ASP A 241 13.75 23.68 -8.39
N THR A 242 12.93 23.11 -9.26
CA THR A 242 11.68 23.74 -9.65
C THR A 242 10.53 23.38 -8.71
N VAL A 243 10.75 22.43 -7.80
CA VAL A 243 9.66 22.04 -6.90
C VAL A 243 9.47 23.11 -5.81
N THR A 244 8.20 23.41 -5.52
CA THR A 244 7.85 24.45 -4.55
C THR A 244 8.26 24.04 -3.13
N PRO A 245 8.70 25.01 -2.30
CA PRO A 245 9.01 24.65 -0.92
C PRO A 245 7.81 24.06 -0.17
N GLU A 246 6.62 24.51 -0.52
CA GLU A 246 5.41 24.04 0.15
C GLU A 246 5.23 22.53 -0.03
N ALA A 247 5.56 22.04 -1.22
CA ALA A 247 5.51 20.59 -1.45
C ALA A 247 6.51 19.90 -0.53
N LYS A 248 7.72 20.48 -0.46
CA LYS A 248 8.81 19.95 0.36
C LYS A 248 8.46 19.96 1.85
N ASN A 249 7.81 21.05 2.28
CA ASN A 249 7.21 21.11 3.61
C ASN A 249 6.30 19.90 3.92
N LEU A 250 5.39 19.57 3.01
CA LEU A 250 4.44 18.50 3.28
C LEU A 250 5.18 17.19 3.41
N ILE A 251 6.23 17.00 2.62
CA ILE A 251 6.99 15.74 2.68
C ILE A 251 7.70 15.64 4.05
N ASN A 252 8.35 16.75 4.46
CA ASN A 252 9.05 16.84 5.74
C ASN A 252 8.18 16.47 6.95
N GLN A 253 6.94 16.95 6.92
CA GLN A 253 6.00 16.68 7.99
C GLN A 253 5.62 15.18 8.03
N MET A 254 5.63 14.51 6.87
CA MET A 254 5.34 13.08 6.80
C MET A 254 6.58 12.26 7.10
N LEU A 255 7.72 12.71 6.60
CA LEU A 255 8.97 12.03 6.88
C LEU A 255 9.60 12.62 8.12
N THR A 256 8.79 12.69 9.18
CA THR A 256 9.25 13.09 10.52
C THR A 256 9.54 11.82 11.32
N VAL A 257 10.77 11.69 11.82
CA VAL A 257 11.25 10.42 12.35
C VAL A 257 10.48 9.94 13.57
N ASN A 258 10.29 10.84 14.51
CA ASN A 258 9.52 10.51 15.70
C ASN A 258 8.03 10.49 15.34
N PRO A 259 7.35 9.31 15.49
CA PRO A 259 5.95 9.19 15.03
C PRO A 259 4.96 10.07 15.81
N ASN A 260 5.31 10.41 17.05
CA ASN A 260 4.53 11.31 17.88
C ASN A 260 4.56 12.73 17.30
N LYS A 261 5.69 13.11 16.71
CA LYS A 261 5.80 14.42 16.05
C LYS A 261 5.31 14.37 14.58
N ARG A 262 4.93 13.19 14.10
CA ARG A 262 4.52 13.02 12.69
C ARG A 262 3.10 13.51 12.38
N ILE A 263 2.96 14.18 11.24
CA ILE A 263 1.67 14.65 10.76
C ILE A 263 0.71 13.46 10.62
N THR A 264 -0.57 13.65 10.94
CA THR A 264 -1.57 12.59 10.73
C THR A 264 -2.16 12.73 9.34
N ALA A 265 -2.91 11.73 8.89
CA ALA A 265 -3.54 11.80 7.58
C ALA A 265 -4.55 12.94 7.51
N ALA A 266 -5.26 13.15 8.61
CA ALA A 266 -6.34 14.15 8.67
C ALA A 266 -5.81 15.54 8.42
N GLU A 267 -4.69 15.85 9.05
CA GLU A 267 -4.12 17.19 8.96
C GLU A 267 -3.12 17.28 7.80
N ALA A 268 -2.88 16.15 7.13
CA ALA A 268 -2.14 16.15 5.86
C ALA A 268 -3.05 16.67 4.76
N LEU A 269 -4.29 16.22 4.82
CA LEU A 269 -5.30 16.61 3.84
C LEU A 269 -5.68 18.09 3.91
N LYS A 270 -5.17 18.80 4.91
CA LYS A 270 -5.46 20.22 5.09
C LYS A 270 -4.25 21.05 4.71
N HIS A 271 -3.15 20.42 4.31
CA HIS A 271 -1.93 21.16 4.00
C HIS A 271 -2.23 22.13 2.85
N PRO A 272 -1.65 23.35 2.88
CA PRO A 272 -2.05 24.33 1.84
C PRO A 272 -1.81 23.76 0.45
N TRP A 273 -0.71 23.04 0.31
CA TRP A 273 -0.28 22.45 -0.94
C TRP A 273 -1.29 21.44 -1.49
N ILE A 274 -2.13 20.93 -0.60
CA ILE A 274 -3.30 20.15 -0.95
C ILE A 274 -4.48 21.10 -0.90
N ALA B 14 19.81 5.55 -7.63
CA ALA B 14 18.50 5.26 -7.03
C ALA B 14 17.41 5.33 -8.07
N THR B 15 16.52 4.35 -8.05
CA THR B 15 15.42 4.35 -8.99
C THR B 15 14.24 3.73 -8.34
N LEU B 16 13.10 3.95 -8.95
CA LEU B 16 11.87 3.30 -8.55
C LEU B 16 11.87 1.90 -9.10
N ALA B 17 11.99 0.92 -8.21
CA ALA B 17 11.87 -0.49 -8.58
C ALA B 17 10.86 -1.17 -7.63
N ARG B 18 10.17 -2.19 -8.13
CA ARG B 18 9.21 -2.90 -7.33
CA ARG B 18 9.22 -2.92 -7.31
C ARG B 18 9.97 -3.56 -6.17
N GLN B 19 9.27 -3.77 -5.06
CA GLN B 19 9.88 -4.38 -3.87
C GLN B 19 8.89 -5.34 -3.24
N ASP B 20 9.38 -6.51 -2.84
CA ASP B 20 8.52 -7.52 -2.25
C ASP B 20 8.23 -7.21 -0.77
N ILE B 22 7.60 -8.15 3.09
CA ILE B 22 8.14 -9.08 4.08
C ILE B 22 7.27 -9.04 5.34
N ASP B 23 7.27 -10.16 6.07
CA ASP B 23 6.56 -10.24 7.33
C ASP B 23 7.28 -11.27 8.15
N GLU B 24 8.02 -10.78 9.13
CA GLU B 24 8.83 -11.61 9.99
C GLU B 24 8.14 -11.83 11.32
N GLY B 25 6.88 -11.45 11.39
CA GLY B 25 6.11 -11.46 12.61
C GLY B 25 6.90 -10.94 13.82
N GLY B 26 6.77 -11.62 14.95
CA GLY B 26 7.44 -11.20 16.16
C GLY B 26 6.49 -10.41 17.04
N GLU B 27 5.23 -10.33 16.64
CA GLU B 27 4.26 -9.54 17.39
C GLU B 27 4.10 -10.07 18.79
N VAL B 28 3.93 -9.14 19.72
CA VAL B 28 4.03 -9.39 21.15
C VAL B 28 2.74 -8.98 21.86
N ASP B 29 2.18 -9.90 22.63
CA ASP B 29 1.07 -9.60 23.54
C ASP B 29 1.57 -8.71 24.69
#